data_8W5F
#
_entry.id   8W5F
#
_cell.length_a   1.00
_cell.length_b   1.00
_cell.length_c   1.00
_cell.angle_alpha   90.00
_cell.angle_beta   90.00
_cell.angle_gamma   90.00
#
_symmetry.space_group_name_H-M   'P 1'
#
loop_
_entity.id
_entity.type
_entity.pdbx_description
1 polymer 'Light chain of Ab6'
2 polymer 'Heavy chain of Ab6'
3 polymer 'Minor capsid protein A1'
#
loop_
_entity_poly.entity_id
_entity_poly.type
_entity_poly.pdbx_seq_one_letter_code
_entity_poly.pdbx_strand_id
1 'polypeptide(L)'
;VHSDIQMTQSPASLSVSVGETVTLTCRASENIYSNLAWYHQKQGISPQLLVYAAAKLADGVPSRFSGSGSGTQYSFKINS
LQSEDFGSYYCQHFWGTPWTFGGGTKLEIK
;
L
2 'polypeptide(L)'
;VHSQVQLQQPGTELVKPGASVKLSCKASGYTFTSYSVHWVKQRPGQGLEWIGSINPNNDVAYFNEKFKTKATLTVDRSSS
TAYMQLSSLTFEDSAVYYCARGGIHYTYDGYYFDYWGQGTTLTVSS
;
H
3 'polypeptide(L)'
;MAKLETVTLGNIGKDGKQTLVLNPRGVNPTNGVASLSQAGAVPALEKRVTVSVSQPSRNRKNYKVQVKIQNPTACTANGS
CDPSVTRQAYADVTFSFTQYSTDEERAFVRTELAALLASPLLIDAIDQLNPAY
;
c,C
#
# COMPACT_ATOMS: atom_id res chain seq x y z
N ILE A 5 1.59 19.24 0.35
CA ILE A 5 3.05 19.33 0.34
C ILE A 5 3.54 19.66 -1.06
N GLN A 6 4.28 20.76 -1.17
CA GLN A 6 4.84 21.22 -2.44
C GLN A 6 6.36 21.12 -2.38
N MET A 7 6.94 20.49 -3.38
CA MET A 7 8.39 20.33 -3.46
C MET A 7 9.00 21.41 -4.33
N THR A 8 10.01 22.09 -3.79
CA THR A 8 10.73 23.14 -4.51
C THR A 8 12.16 22.67 -4.74
N GLN A 9 12.58 22.62 -5.99
CA GLN A 9 13.90 22.11 -6.33
C GLN A 9 14.88 23.27 -6.44
N SER A 10 16.16 22.93 -6.60
CA SER A 10 17.25 23.90 -6.48
C SER A 10 18.01 23.85 -7.80
N PRO A 11 19.11 24.63 -8.03
CA PRO A 11 19.30 25.31 -9.33
C PRO A 11 18.86 24.53 -10.57
N ALA A 12 18.09 25.19 -11.43
CA ALA A 12 17.50 24.51 -12.58
C ALA A 12 18.52 24.28 -13.70
N SER A 13 19.45 25.22 -13.90
CA SER A 13 20.34 25.13 -15.04
C SER A 13 21.65 24.39 -14.71
N LEU A 14 22.41 24.93 -13.76
CA LEU A 14 23.62 24.29 -13.24
C LEU A 14 24.74 24.21 -14.27
N SER A 15 24.46 24.58 -15.53
CA SER A 15 25.44 24.62 -16.61
C SER A 15 26.34 23.39 -16.64
N VAL A 16 27.49 23.50 -15.97
CA VAL A 16 28.53 22.48 -15.76
C VAL A 16 28.91 21.69 -17.00
N SER A 17 30.21 21.70 -17.33
CA SER A 17 30.74 20.87 -18.40
C SER A 17 31.09 19.48 -17.85
N VAL A 18 31.47 18.58 -18.74
CA VAL A 18 31.69 17.18 -18.36
C VAL A 18 33.14 17.07 -17.90
N GLY A 19 33.38 17.52 -16.66
CA GLY A 19 34.63 17.26 -16.02
C GLY A 19 34.56 17.18 -14.51
N GLU A 20 33.37 17.24 -13.93
CA GLU A 20 33.23 17.47 -12.50
C GLU A 20 31.99 16.79 -11.95
N THR A 21 31.99 16.57 -10.64
CA THR A 21 30.79 16.12 -9.95
C THR A 21 29.77 17.24 -9.90
N VAL A 22 28.49 16.86 -9.91
CA VAL A 22 27.39 17.82 -9.80
C VAL A 22 26.46 17.36 -8.70
N THR A 23 26.04 18.31 -7.85
CA THR A 23 25.18 18.02 -6.71
C THR A 23 24.00 18.97 -6.73
N LEU A 24 22.81 18.44 -6.47
CA LEU A 24 21.58 19.23 -6.48
C LEU A 24 20.68 18.76 -5.36
N THR A 25 19.72 19.61 -4.98
CA THR A 25 18.83 19.32 -3.86
C THR A 25 17.38 19.48 -4.30
N CYS A 26 16.50 18.80 -3.56
CA CYS A 26 15.05 18.87 -3.78
C CYS A 26 14.39 19.02 -2.43
N ARG A 27 14.15 20.26 -2.02
CA ARG A 27 13.57 20.54 -0.72
C ARG A 27 12.12 20.08 -0.63
N ALA A 28 11.70 19.75 0.58
CA ALA A 28 10.32 19.39 0.88
C ALA A 28 9.74 20.41 1.85
N SER A 29 8.43 20.61 1.78
CA SER A 29 7.83 21.71 2.54
C SER A 29 7.45 21.30 3.96
N GLU A 30 6.98 20.07 4.16
CA GLU A 30 6.39 19.67 5.43
C GLU A 30 6.92 18.31 5.89
N ASN A 31 8.23 18.11 5.78
CA ASN A 31 8.93 16.97 6.37
C ASN A 31 8.35 15.64 5.86
N ILE A 32 8.51 15.43 4.55
CA ILE A 32 8.29 14.10 4.01
C ILE A 32 9.39 13.18 4.53
N TYR A 33 9.01 11.96 4.88
CA TYR A 33 10.04 11.04 5.36
C TYR A 33 10.81 10.48 4.17
N SER A 34 11.75 9.58 4.48
CA SER A 34 12.71 9.13 3.47
C SER A 34 12.02 8.20 2.48
N ASN A 35 11.18 8.80 1.62
CA ASN A 35 10.60 8.06 0.50
C ASN A 35 10.31 9.07 -0.62
N LEU A 36 11.21 9.13 -1.59
CA LEU A 36 11.03 9.97 -2.77
C LEU A 36 11.85 9.36 -3.90
N ALA A 37 11.50 9.74 -5.12
CA ALA A 37 12.13 9.20 -6.31
C ALA A 37 12.92 10.29 -7.04
N TRP A 38 13.76 9.85 -7.98
CA TRP A 38 14.66 10.73 -8.70
C TRP A 38 14.67 10.53 -10.21
N TYR A 39 13.51 10.53 -10.85
CA TYR A 39 13.33 10.27 -12.27
C TYR A 39 14.31 11.03 -13.16
N HIS A 40 14.72 10.41 -14.26
CA HIS A 40 15.60 11.01 -15.26
C HIS A 40 15.03 10.75 -16.64
N GLN A 41 14.96 11.78 -17.47
CA GLN A 41 14.49 11.65 -18.84
C GLN A 41 15.41 12.38 -19.79
N LYS A 42 15.70 11.75 -20.93
CA LYS A 42 16.35 12.43 -22.04
C LYS A 42 15.28 12.86 -23.02
N GLN A 43 15.38 14.09 -23.51
CA GLN A 43 14.31 14.68 -24.30
C GLN A 43 13.97 13.80 -25.50
N GLY A 44 12.67 13.59 -25.71
CA GLY A 44 12.18 12.75 -26.78
C GLY A 44 11.74 11.36 -26.38
N ILE A 45 12.07 10.91 -25.17
CA ILE A 45 11.69 9.58 -24.71
C ILE A 45 11.16 9.67 -23.29
N SER A 46 10.61 8.55 -22.81
CA SER A 46 9.97 8.51 -21.50
C SER A 46 11.01 8.58 -20.39
N PRO A 47 10.62 9.07 -19.21
CA PRO A 47 11.58 9.15 -18.10
C PRO A 47 11.99 7.77 -17.60
N GLN A 48 13.02 7.79 -16.74
CA GLN A 48 13.55 6.57 -16.15
C GLN A 48 13.86 6.80 -14.68
N LEU A 49 13.76 5.75 -13.89
CA LEU A 49 13.99 5.84 -12.46
C LEU A 49 15.44 5.55 -12.11
N LEU A 50 16.02 6.39 -11.25
CA LEU A 50 17.41 6.25 -10.83
C LEU A 50 17.53 5.89 -9.35
N VAL A 51 16.95 6.70 -8.47
CA VAL A 51 16.96 6.46 -7.03
C VAL A 51 15.52 6.34 -6.58
N TYR A 52 15.20 5.24 -5.90
CA TYR A 52 13.80 4.90 -5.64
C TYR A 52 13.41 4.93 -4.18
N ALA A 53 14.33 5.24 -3.27
CA ALA A 53 13.92 5.38 -1.87
C ALA A 53 14.38 6.71 -1.28
N ALA A 54 15.61 7.10 -1.64
CA ALA A 54 16.33 8.27 -1.15
C ALA A 54 17.81 8.04 -1.41
N ALA A 55 18.30 6.86 -1.02
CA ALA A 55 19.69 6.48 -1.21
C ALA A 55 19.86 5.16 -1.95
N LYS A 56 18.79 4.58 -2.49
CA LYS A 56 18.87 3.26 -3.10
C LYS A 56 18.88 3.34 -4.61
N LEU A 57 19.83 2.65 -5.22
CA LEU A 57 19.87 2.52 -6.67
C LEU A 57 18.72 1.64 -7.14
N ALA A 58 18.17 1.95 -8.31
CA ALA A 58 16.84 1.45 -8.64
C ALA A 58 16.85 0.01 -9.12
N ASP A 59 17.35 -0.23 -10.33
CA ASP A 59 17.42 -1.61 -10.82
C ASP A 59 18.81 -2.01 -11.26
N GLY A 60 19.35 -1.30 -12.24
CA GLY A 60 20.61 -1.67 -12.85
C GLY A 60 21.44 -0.46 -13.26
N VAL A 61 20.93 0.72 -12.96
CA VAL A 61 21.63 1.95 -13.32
C VAL A 61 23.01 1.96 -12.68
N PRO A 62 24.08 2.33 -13.40
CA PRO A 62 25.43 2.21 -12.85
C PRO A 62 25.61 3.04 -11.58
N SER A 63 26.44 2.52 -10.69
CA SER A 63 26.60 3.08 -9.34
C SER A 63 27.50 4.32 -9.36
N ARG A 64 27.11 5.29 -10.20
CA ARG A 64 27.72 6.60 -10.18
C ARG A 64 26.73 7.69 -9.80
N PHE A 65 25.48 7.33 -9.53
CA PHE A 65 24.49 8.22 -8.94
C PHE A 65 24.29 7.86 -7.49
N SER A 66 24.20 8.88 -6.63
CA SER A 66 24.00 8.62 -5.21
C SER A 66 23.13 9.70 -4.61
N GLY A 67 22.16 9.29 -3.79
CA GLY A 67 21.26 10.21 -3.13
C GLY A 67 21.35 10.05 -1.64
N SER A 68 20.96 11.10 -0.92
CA SER A 68 20.91 11.11 0.53
C SER A 68 20.07 12.31 0.96
N GLY A 69 19.48 12.21 2.14
CA GLY A 69 18.60 13.29 2.58
C GLY A 69 18.39 13.30 4.07
N SER A 70 18.06 14.50 4.56
CA SER A 70 17.71 14.72 5.95
C SER A 70 16.20 14.55 6.11
N GLY A 71 15.66 15.01 7.25
CA GLY A 71 14.22 14.90 7.45
C GLY A 71 13.42 15.64 6.41
N THR A 72 13.87 16.84 6.02
CA THR A 72 13.12 17.67 5.08
C THR A 72 13.98 18.25 3.97
N GLN A 73 15.19 17.72 3.75
CA GLN A 73 16.06 18.23 2.70
C GLN A 73 16.86 17.06 2.13
N TYR A 74 16.73 16.83 0.83
CA TYR A 74 17.33 15.67 0.18
C TYR A 74 18.17 16.11 -1.00
N SER A 75 19.21 15.33 -1.30
CA SER A 75 20.20 15.68 -2.30
C SER A 75 20.50 14.51 -3.22
N PHE A 76 20.97 14.84 -4.42
CA PHE A 76 21.31 13.87 -5.46
C PHE A 76 22.60 14.33 -6.12
N LYS A 77 23.52 13.38 -6.34
CA LYS A 77 24.82 13.75 -6.88
C LYS A 77 25.33 12.65 -7.80
N ILE A 78 26.24 13.04 -8.69
CA ILE A 78 26.86 12.15 -9.66
C ILE A 78 28.37 12.30 -9.56
N ASN A 79 29.09 11.18 -9.67
CA ASN A 79 30.54 11.20 -9.56
C ASN A 79 31.21 11.65 -10.87
N SER A 80 31.00 10.89 -11.94
CA SER A 80 31.50 11.24 -13.26
C SER A 80 30.32 11.67 -14.12
N LEU A 81 30.35 12.91 -14.61
CA LEU A 81 29.19 13.44 -15.31
C LEU A 81 28.90 12.67 -16.58
N GLN A 82 29.94 12.38 -17.38
CA GLN A 82 29.85 11.53 -18.56
C GLN A 82 28.91 12.13 -19.61
N SER A 83 28.94 11.61 -20.83
CA SER A 83 28.12 12.14 -21.92
C SER A 83 26.91 11.25 -22.12
N GLU A 84 25.77 11.67 -21.53
CA GLU A 84 24.45 11.03 -21.52
C GLU A 84 23.62 11.63 -20.39
N ASP A 85 24.27 12.06 -19.32
CA ASP A 85 23.56 12.52 -18.12
C ASP A 85 23.09 13.95 -18.32
N PHE A 86 21.99 14.08 -19.05
CA PHE A 86 21.36 15.38 -19.28
C PHE A 86 19.86 15.15 -19.39
N GLY A 87 19.09 16.22 -19.21
CA GLY A 87 17.66 16.10 -19.41
C GLY A 87 16.71 16.37 -18.27
N SER A 88 17.04 17.34 -17.40
CA SER A 88 16.08 17.88 -16.44
C SER A 88 15.57 16.80 -15.48
N TYR A 89 16.48 16.38 -14.61
CA TYR A 89 16.13 15.44 -13.54
C TYR A 89 14.96 15.95 -12.72
N TYR A 90 14.13 15.03 -12.24
CA TYR A 90 12.94 15.36 -11.46
C TYR A 90 12.93 14.60 -10.14
N CYS A 91 12.23 15.17 -9.15
CA CYS A 91 12.02 14.54 -7.86
C CYS A 91 10.53 14.53 -7.54
N GLN A 92 10.07 13.45 -6.91
CA GLN A 92 8.67 13.29 -6.54
C GLN A 92 8.55 12.71 -5.14
N HIS A 93 7.61 13.23 -4.37
CA HIS A 93 7.35 12.76 -3.01
C HIS A 93 6.15 11.85 -2.98
N PHE A 94 6.18 10.86 -2.09
CA PHE A 94 5.13 9.86 -1.97
C PHE A 94 4.60 9.78 -0.54
N TRP A 95 4.53 10.93 0.15
CA TRP A 95 4.04 10.94 1.52
C TRP A 95 2.52 11.09 1.56
N GLY A 96 1.98 12.16 1.00
CA GLY A 96 0.56 12.36 0.89
C GLY A 96 0.01 11.70 -0.35
N THR A 97 -1.21 12.10 -0.71
CA THR A 97 -1.78 11.67 -1.99
C THR A 97 -1.28 12.47 -3.21
N PRO A 98 -1.05 13.80 -3.13
CA PRO A 98 -0.89 14.55 -4.39
C PRO A 98 0.30 14.12 -5.24
N TRP A 99 1.41 13.71 -4.63
CA TRP A 99 2.59 13.24 -5.37
C TRP A 99 2.99 14.26 -6.43
N THR A 100 3.39 15.45 -5.96
CA THR A 100 3.33 16.65 -6.78
C THR A 100 4.47 16.79 -7.79
N PHE A 101 5.51 15.95 -7.71
CA PHE A 101 6.70 16.10 -8.56
C PHE A 101 7.45 17.38 -8.23
N GLY A 102 8.61 17.56 -8.86
CA GLY A 102 9.43 18.73 -8.65
C GLY A 102 9.51 19.62 -9.90
N GLY A 103 10.25 20.71 -9.75
CA GLY A 103 10.39 21.66 -10.85
C GLY A 103 11.16 21.09 -12.03
N GLY A 104 12.26 20.41 -11.76
CA GLY A 104 13.09 19.86 -12.83
C GLY A 104 14.30 20.73 -13.12
N THR A 105 15.49 20.12 -13.11
CA THR A 105 16.74 20.84 -13.30
C THR A 105 17.53 20.24 -14.45
N LYS A 106 17.71 21.03 -15.51
CA LYS A 106 18.44 20.61 -16.69
C LYS A 106 19.94 20.65 -16.40
N LEU A 107 20.71 20.06 -17.33
CA LEU A 107 22.16 20.07 -17.22
C LEU A 107 22.79 20.50 -18.55
N VAL B 5 8.08 -7.65 -19.72
CA VAL B 5 7.32 -6.53 -19.20
C VAL B 5 7.41 -5.32 -20.13
N GLN B 6 6.25 -4.82 -20.55
CA GLN B 6 6.21 -3.69 -21.47
C GLN B 6 4.82 -3.06 -21.51
N LEU B 7 4.77 -1.73 -21.44
CA LEU B 7 3.54 -0.98 -21.57
C LEU B 7 3.56 -0.20 -22.88
N GLN B 8 2.52 -0.36 -23.69
CA GLN B 8 2.45 0.31 -24.99
C GLN B 8 1.14 1.08 -25.11
N GLN B 9 1.22 2.26 -25.71
CA GLN B 9 0.06 3.14 -25.82
C GLN B 9 0.17 4.03 -27.05
N PRO B 10 -0.62 3.74 -28.11
CA PRO B 10 -0.36 4.24 -29.48
C PRO B 10 0.80 5.20 -29.75
N GLY B 11 0.59 6.11 -30.69
CA GLY B 11 1.60 7.14 -30.94
C GLY B 11 1.10 8.57 -30.97
N THR B 12 -0.16 8.77 -31.34
CA THR B 12 -0.68 10.10 -31.62
C THR B 12 -2.20 10.04 -31.72
N GLU B 13 -2.85 11.08 -31.22
CA GLU B 13 -4.30 11.18 -31.33
C GLU B 13 -4.68 12.64 -31.51
N LEU B 14 -5.77 12.85 -32.25
CA LEU B 14 -6.24 14.19 -32.59
C LEU B 14 -7.75 14.20 -32.44
N VAL B 15 -8.29 15.26 -31.81
CA VAL B 15 -9.69 15.26 -31.43
C VAL B 15 -10.48 16.36 -32.11
N LYS B 16 -10.12 17.64 -31.85
CA LYS B 16 -10.71 18.97 -32.04
C LYS B 16 -11.40 19.32 -30.73
N PRO B 17 -11.42 20.59 -30.32
CA PRO B 17 -11.95 20.92 -29.00
C PRO B 17 -13.43 20.57 -28.87
N GLY B 18 -13.81 20.08 -27.69
CA GLY B 18 -15.17 19.66 -27.44
C GLY B 18 -15.30 18.16 -27.30
N ALA B 19 -14.60 17.41 -28.14
CA ALA B 19 -14.67 15.96 -28.12
C ALA B 19 -13.87 15.41 -26.94
N SER B 20 -13.89 14.09 -26.78
CA SER B 20 -13.18 13.45 -25.68
C SER B 20 -12.87 12.01 -26.08
N VAL B 21 -11.62 11.75 -26.47
CA VAL B 21 -11.18 10.40 -26.78
C VAL B 21 -10.57 9.79 -25.53
N LYS B 22 -10.60 8.46 -25.43
CA LYS B 22 -10.12 7.75 -24.25
C LYS B 22 -8.80 7.06 -24.59
N LEU B 23 -7.73 7.47 -23.91
CA LEU B 23 -6.42 6.88 -24.13
C LEU B 23 -6.37 5.47 -23.54
N SER B 24 -5.65 4.59 -24.22
CA SER B 24 -5.50 3.20 -23.80
C SER B 24 -4.03 2.90 -23.57
N CYS B 25 -3.77 1.99 -22.63
CA CYS B 25 -2.41 1.59 -22.30
C CYS B 25 -2.44 0.09 -22.02
N LYS B 26 -1.80 -0.70 -22.87
CA LYS B 26 -1.82 -2.15 -22.75
C LYS B 26 -0.49 -2.62 -22.17
N ALA B 27 -0.57 -3.45 -21.13
CA ALA B 27 0.59 -3.94 -20.42
C ALA B 27 0.72 -5.44 -20.61
N SER B 28 1.91 -5.90 -20.98
CA SER B 28 2.15 -7.30 -21.26
C SER B 28 3.41 -7.77 -20.56
N GLY B 29 3.31 -8.90 -19.87
CA GLY B 29 4.47 -9.59 -19.33
C GLY B 29 4.61 -9.63 -17.83
N TYR B 30 3.65 -9.10 -17.06
CA TYR B 30 3.83 -9.11 -15.61
C TYR B 30 2.54 -9.39 -14.84
N THR B 31 1.60 -10.14 -15.43
CA THR B 31 0.37 -10.54 -14.73
C THR B 31 -0.40 -9.31 -14.24
N PHE B 32 -0.96 -8.60 -15.22
CA PHE B 32 -1.54 -7.27 -15.09
C PHE B 32 -2.22 -6.99 -13.75
N THR B 33 -3.01 -7.92 -13.24
CA THR B 33 -3.78 -7.64 -12.03
C THR B 33 -2.95 -7.85 -10.77
N SER B 34 -1.75 -7.27 -10.74
CA SER B 34 -0.94 -7.27 -9.52
C SER B 34 -0.24 -5.96 -9.22
N TYR B 35 -0.10 -5.05 -10.17
CA TYR B 35 0.60 -3.79 -9.98
C TYR B 35 -0.30 -2.66 -10.43
N SER B 36 -0.38 -1.60 -9.62
CA SER B 36 -1.23 -0.46 -9.97
C SER B 36 -0.62 0.30 -11.15
N VAL B 37 -1.48 1.06 -11.83
CA VAL B 37 -1.11 1.79 -13.04
C VAL B 37 -1.36 3.27 -12.80
N HIS B 38 -0.38 4.11 -13.13
CA HIS B 38 -0.38 5.53 -12.84
C HIS B 38 -0.31 6.30 -14.14
N TRP B 39 -0.95 7.46 -14.18
CA TRP B 39 -0.97 8.32 -15.35
C TRP B 39 -0.32 9.66 -15.04
N VAL B 40 0.58 10.09 -15.93
CA VAL B 40 1.34 11.33 -15.74
C VAL B 40 1.23 12.17 -17.00
N LYS B 41 0.99 13.47 -16.82
CA LYS B 41 0.84 14.40 -17.94
C LYS B 41 2.02 15.36 -17.96
N GLN B 42 2.67 15.47 -19.12
CA GLN B 42 3.80 16.38 -19.30
C GLN B 42 3.47 17.40 -20.38
N ARG B 43 3.54 18.67 -20.02
CA ARG B 43 3.39 19.73 -21.01
C ARG B 43 4.58 19.73 -21.95
N PRO B 44 4.44 20.34 -23.13
CA PRO B 44 5.57 20.37 -24.07
C PRO B 44 6.81 21.04 -23.50
N GLY B 45 6.67 22.01 -22.62
CA GLY B 45 7.82 22.69 -22.08
C GLY B 45 7.78 22.94 -20.58
N GLN B 46 7.03 22.12 -19.84
CA GLN B 46 6.95 22.24 -18.39
C GLN B 46 7.00 20.85 -17.77
N GLY B 47 6.82 20.80 -16.45
CA GLY B 47 7.03 19.59 -15.69
C GLY B 47 5.86 18.62 -15.74
N LEU B 48 5.99 17.55 -14.95
CA LEU B 48 5.02 16.47 -14.91
C LEU B 48 3.90 16.80 -13.91
N GLU B 49 2.80 16.04 -14.00
CA GLU B 49 1.59 16.43 -13.29
C GLU B 49 0.98 15.36 -12.40
N TRP B 50 1.08 14.08 -12.78
CA TRP B 50 0.43 12.98 -12.07
C TRP B 50 -1.09 13.17 -12.00
N ILE B 51 -1.72 12.95 -13.15
CA ILE B 51 -3.18 13.03 -13.23
C ILE B 51 -3.84 12.16 -12.15
N GLY B 52 -3.60 10.86 -12.19
CA GLY B 52 -4.24 9.96 -11.25
C GLY B 52 -3.78 8.54 -11.45
N SER B 53 -4.36 7.63 -10.68
CA SER B 53 -3.96 6.23 -10.74
C SER B 53 -5.00 5.34 -10.09
N ILE B 54 -5.06 4.09 -10.56
CA ILE B 54 -5.89 3.05 -9.97
C ILE B 54 -5.11 1.75 -9.98
N ASN B 55 -5.57 0.78 -9.18
CA ASN B 55 -4.98 -0.54 -9.28
C ASN B 55 -5.96 -1.52 -9.93
N PRO B 56 -5.44 -2.53 -10.65
CA PRO B 56 -6.34 -3.39 -11.45
C PRO B 56 -7.38 -4.13 -10.64
N ASN B 57 -7.05 -4.59 -9.43
CA ASN B 57 -7.98 -5.33 -8.60
C ASN B 57 -8.44 -4.46 -7.43
N ASN B 58 -9.73 -4.54 -7.14
CA ASN B 58 -10.54 -3.80 -6.17
C ASN B 58 -10.84 -2.37 -6.62
N ASP B 59 -10.23 -1.89 -7.70
CA ASP B 59 -10.64 -0.66 -8.39
C ASP B 59 -10.77 0.53 -7.44
N VAL B 60 -9.72 0.81 -6.69
CA VAL B 60 -9.66 2.03 -5.91
C VAL B 60 -8.94 3.11 -6.71
N ALA B 61 -9.51 4.31 -6.70
CA ALA B 61 -9.01 5.39 -7.54
C ALA B 61 -8.40 6.50 -6.69
N TYR B 62 -7.20 6.92 -7.09
CA TYR B 62 -6.53 8.06 -6.49
C TYR B 62 -6.45 9.17 -7.51
N PHE B 63 -6.96 10.34 -7.16
CA PHE B 63 -7.09 11.44 -8.11
C PHE B 63 -6.35 12.67 -7.60
N ASN B 64 -5.86 13.45 -8.56
CA ASN B 64 -5.41 14.80 -8.26
C ASN B 64 -6.62 15.72 -8.16
N GLU B 65 -6.48 16.77 -7.35
CA GLU B 65 -7.61 17.67 -7.13
C GLU B 65 -8.00 18.41 -8.40
N LYS B 66 -7.01 18.81 -9.20
CA LYS B 66 -7.29 19.58 -10.40
C LYS B 66 -8.06 18.77 -11.44
N PHE B 67 -7.72 17.48 -11.56
CA PHE B 67 -8.27 16.64 -12.61
C PHE B 67 -9.44 15.79 -12.16
N LYS B 68 -9.98 16.05 -10.97
CA LYS B 68 -11.08 15.24 -10.45
C LYS B 68 -12.33 15.38 -11.33
N THR B 69 -12.60 16.57 -11.83
CA THR B 69 -13.79 16.84 -12.62
C THR B 69 -13.53 16.79 -14.12
N LYS B 70 -12.35 16.33 -14.53
CA LYS B 70 -11.97 16.33 -15.93
C LYS B 70 -11.59 14.97 -16.48
N ALA B 71 -11.05 14.06 -15.67
CA ALA B 71 -10.61 12.76 -16.17
C ALA B 71 -11.07 11.67 -15.23
N THR B 72 -11.48 10.54 -15.80
CA THR B 72 -11.76 9.32 -15.07
C THR B 72 -11.06 8.17 -15.76
N LEU B 73 -10.59 7.21 -14.97
CA LEU B 73 -9.79 6.11 -15.49
C LEU B 73 -10.30 4.78 -14.96
N THR B 74 -10.19 3.75 -15.80
CA THR B 74 -10.73 2.43 -15.51
C THR B 74 -9.79 1.36 -16.05
N VAL B 75 -10.11 0.11 -15.73
CA VAL B 75 -9.33 -1.03 -16.18
C VAL B 75 -10.22 -1.98 -16.98
N ASP B 76 -9.57 -2.83 -17.75
CA ASP B 76 -10.22 -3.93 -18.48
C ASP B 76 -9.36 -5.16 -18.22
N ARG B 77 -9.83 -6.04 -17.33
CA ARG B 77 -9.04 -7.18 -16.90
C ARG B 77 -8.94 -8.25 -17.98
N SER B 78 -9.98 -8.40 -18.80
CA SER B 78 -9.96 -9.45 -19.81
C SER B 78 -8.85 -9.23 -20.82
N SER B 79 -8.70 -8.00 -21.31
CA SER B 79 -7.65 -7.65 -22.25
C SER B 79 -6.42 -7.07 -21.56
N SER B 80 -6.47 -6.87 -20.24
CA SER B 80 -5.36 -6.32 -19.48
C SER B 80 -4.96 -4.94 -20.02
N THR B 81 -5.89 -4.00 -19.92
CA THR B 81 -5.67 -2.66 -20.47
C THR B 81 -6.14 -1.63 -19.46
N ALA B 82 -5.56 -0.43 -19.53
CA ALA B 82 -5.97 0.69 -18.69
C ALA B 82 -6.47 1.81 -19.59
N TYR B 83 -7.63 2.37 -19.27
CA TYR B 83 -8.24 3.43 -20.06
C TYR B 83 -8.35 4.70 -19.24
N MET B 84 -8.23 5.83 -19.93
CA MET B 84 -8.33 7.15 -19.30
C MET B 84 -9.18 8.04 -20.19
N GLN B 85 -10.04 8.86 -19.59
CA GLN B 85 -11.12 9.48 -20.36
C GLN B 85 -10.75 10.85 -20.91
N LEU B 86 -10.43 11.81 -20.04
CA LEU B 86 -10.34 13.23 -20.41
C LEU B 86 -11.66 13.71 -21.01
N SER B 87 -12.68 13.72 -20.14
CA SER B 87 -14.06 13.89 -20.58
C SER B 87 -14.28 15.18 -21.35
N SER B 88 -13.50 16.23 -21.09
CA SER B 88 -13.65 17.50 -21.79
C SER B 88 -12.27 18.02 -22.15
N LEU B 89 -12.11 18.48 -23.38
CA LEU B 89 -10.82 18.95 -23.88
C LEU B 89 -10.95 20.40 -24.37
N THR B 90 -10.03 21.24 -23.91
CA THR B 90 -9.91 22.62 -24.34
C THR B 90 -8.58 22.81 -25.07
N PHE B 91 -8.27 24.06 -25.42
CA PHE B 91 -7.05 24.34 -26.17
C PHE B 91 -5.79 24.05 -25.37
N GLU B 92 -5.80 24.29 -24.06
CA GLU B 92 -4.63 24.10 -23.21
C GLU B 92 -4.67 22.69 -22.61
N ASP B 93 -4.71 21.70 -23.50
CA ASP B 93 -4.65 20.29 -23.10
C ASP B 93 -3.68 19.46 -23.93
N SER B 94 -3.12 20.00 -25.02
CA SER B 94 -2.17 19.26 -25.82
C SER B 94 -0.90 18.99 -25.03
N ALA B 95 -0.67 17.73 -24.67
CA ALA B 95 0.48 17.34 -23.86
C ALA B 95 0.82 15.90 -24.18
N VAL B 96 1.72 15.33 -23.39
CA VAL B 96 2.15 13.95 -23.53
C VAL B 96 1.70 13.17 -22.31
N TYR B 97 1.03 12.04 -22.53
CA TYR B 97 0.41 11.28 -21.46
C TYR B 97 1.11 9.93 -21.33
N TYR B 98 1.82 9.75 -20.22
CA TYR B 98 2.54 8.51 -19.94
C TYR B 98 1.74 7.65 -18.98
N CYS B 99 1.79 6.34 -19.21
CA CYS B 99 1.26 5.35 -18.29
C CYS B 99 2.41 4.52 -17.75
N ALA B 100 2.54 4.46 -16.43
CA ALA B 100 3.64 3.74 -15.79
C ALA B 100 3.10 2.88 -14.67
N ARG B 101 3.60 1.65 -14.56
CA ARG B 101 3.20 0.78 -13.47
C ARG B 101 4.18 0.96 -12.31
N GLY B 102 3.64 1.08 -11.11
CA GLY B 102 4.46 1.18 -9.93
C GLY B 102 3.71 0.77 -8.68
N GLY B 103 4.28 -0.16 -7.91
CA GLY B 103 3.66 -0.57 -6.68
C GLY B 103 3.24 -2.02 -6.64
N ILE B 104 2.28 -2.33 -5.78
CA ILE B 104 1.75 -3.68 -5.66
C ILE B 104 0.38 -3.56 -5.01
N HIS B 105 -0.45 -4.59 -5.17
CA HIS B 105 -1.84 -4.43 -4.79
C HIS B 105 -2.09 -4.47 -3.29
N TYR B 106 -1.08 -4.68 -2.44
CA TYR B 106 -1.35 -4.78 -1.01
C TYR B 106 -0.33 -4.06 -0.12
N THR B 107 0.59 -3.29 -0.67
CA THR B 107 1.51 -2.50 0.15
C THR B 107 1.40 -1.03 -0.21
N TYR B 108 1.58 -0.17 0.80
CA TYR B 108 1.42 1.27 0.67
C TYR B 108 2.74 2.01 0.81
N ASP B 109 3.87 1.30 0.64
CA ASP B 109 5.18 1.90 0.74
C ASP B 109 5.82 2.11 -0.63
N GLY B 110 5.92 1.06 -1.43
CA GLY B 110 6.48 1.19 -2.76
C GLY B 110 5.45 1.64 -3.77
N TYR B 111 5.60 2.87 -4.27
CA TYR B 111 4.72 3.39 -5.32
C TYR B 111 5.53 4.14 -6.37
N TYR B 112 6.79 3.76 -6.55
CA TYR B 112 7.72 4.51 -7.41
C TYR B 112 7.56 4.06 -8.86
N PHE B 113 7.30 5.02 -9.74
CA PHE B 113 7.10 4.72 -11.16
C PHE B 113 8.43 4.28 -11.74
N ASP B 114 8.50 3.06 -12.28
CA ASP B 114 9.76 2.52 -12.74
C ASP B 114 9.78 2.08 -14.19
N TYR B 115 8.62 1.86 -14.81
CA TYR B 115 8.53 1.19 -16.10
C TYR B 115 7.65 1.98 -17.06
N TRP B 116 7.94 3.29 -17.17
CA TRP B 116 7.16 4.19 -18.01
C TRP B 116 7.09 3.68 -19.45
N GLY B 117 5.90 3.76 -20.04
CA GLY B 117 5.74 3.58 -21.46
C GLY B 117 5.92 4.89 -22.21
N GLN B 118 5.83 4.81 -23.53
CA GLN B 118 6.00 6.00 -24.35
C GLN B 118 4.76 6.89 -24.24
N GLY B 119 4.76 7.99 -24.99
CA GLY B 119 3.70 8.98 -24.88
C GLY B 119 2.62 8.83 -25.93
N THR B 120 1.71 9.80 -25.94
CA THR B 120 0.65 9.89 -26.94
C THR B 120 0.63 11.21 -27.70
N THR B 121 1.03 12.31 -27.08
CA THR B 121 1.13 13.61 -27.74
C THR B 121 -0.22 14.04 -28.33
N LEU B 122 -1.18 14.24 -27.42
CA LEU B 122 -2.48 14.75 -27.83
C LEU B 122 -2.36 16.13 -28.45
N THR B 123 -3.20 16.38 -29.46
CA THR B 123 -3.24 17.66 -30.15
C THR B 123 -4.70 18.11 -30.26
N VAL B 124 -4.94 19.38 -29.96
CA VAL B 124 -6.28 19.94 -30.02
C VAL B 124 -6.29 21.18 -30.92
N ALA C 2 12.83 -5.65 16.39
CA ALA C 2 13.87 -5.74 17.40
C ALA C 2 13.69 -4.65 18.45
N LYS C 3 14.31 -3.50 18.24
CA LYS C 3 14.21 -2.36 19.13
C LYS C 3 13.28 -1.33 18.50
N LEU C 4 12.23 -0.96 19.22
CA LEU C 4 11.18 -0.15 18.64
C LEU C 4 11.62 1.31 18.48
N GLU C 5 11.23 1.90 17.36
CA GLU C 5 11.48 3.30 17.06
C GLU C 5 10.25 3.86 16.36
N THR C 6 10.36 5.06 15.82
CA THR C 6 9.22 5.70 15.16
C THR C 6 8.81 4.90 13.92
N VAL C 7 7.50 4.78 13.73
CA VAL C 7 6.93 4.02 12.62
C VAL C 7 6.08 4.97 11.79
N THR C 8 6.39 5.06 10.50
CA THR C 8 5.73 6.00 9.61
C THR C 8 4.91 5.24 8.59
N LEU C 9 3.61 5.56 8.50
CA LEU C 9 2.70 4.96 7.53
C LEU C 9 2.15 6.06 6.65
N GLY C 10 2.27 5.88 5.33
CA GLY C 10 1.82 6.88 4.39
C GLY C 10 0.88 6.29 3.36
N ASN C 11 0.13 7.18 2.72
CA ASN C 11 -0.85 6.82 1.69
C ASN C 11 -1.90 5.85 2.22
N ILE C 12 -2.24 5.96 3.50
CA ILE C 12 -3.24 5.06 4.06
C ILE C 12 -4.64 5.45 3.59
N GLY C 13 -5.60 4.61 3.95
CA GLY C 13 -6.66 4.23 3.03
C GLY C 13 -7.77 5.24 2.83
N LYS C 14 -8.82 4.72 2.19
CA LYS C 14 -9.98 5.42 1.64
C LYS C 14 -9.60 6.14 0.35
N ASP C 15 -8.73 7.15 0.45
CA ASP C 15 -8.35 7.92 -0.72
C ASP C 15 -6.85 8.23 -0.76
N GLY C 16 -6.07 7.65 0.15
CA GLY C 16 -4.64 7.86 0.13
C GLY C 16 -4.19 9.23 0.56
N LYS C 17 -5.07 10.01 1.16
CA LYS C 17 -4.78 11.40 1.49
C LYS C 17 -4.15 11.58 2.86
N GLN C 18 -4.08 10.53 3.68
CA GLN C 18 -3.70 10.69 5.08
C GLN C 18 -2.42 9.93 5.40
N THR C 19 -1.75 10.41 6.45
CA THR C 19 -0.49 9.84 6.94
C THR C 19 -0.59 9.65 8.43
N LEU C 20 0.36 8.92 8.99
CA LEU C 20 0.31 8.58 10.41
C LEU C 20 1.70 8.22 10.91
N VAL C 21 2.18 8.97 11.90
CA VAL C 21 3.51 8.77 12.48
C VAL C 21 3.34 8.36 13.94
N LEU C 22 3.86 7.19 14.29
CA LEU C 22 3.76 6.65 15.63
C LEU C 22 5.10 6.72 16.34
N ASN C 23 5.09 7.23 17.56
CA ASN C 23 6.30 7.34 18.37
C ASN C 23 6.26 6.31 19.49
N PRO C 24 7.39 5.65 19.79
CA PRO C 24 7.39 4.65 20.85
C PRO C 24 7.03 5.25 22.19
N ARG C 25 6.33 4.46 23.01
CA ARG C 25 5.84 4.93 24.29
C ARG C 25 6.26 4.00 25.43
N GLY C 26 7.28 3.19 25.23
CA GLY C 26 7.85 2.40 26.32
C GLY C 26 7.22 1.05 26.51
N VAL C 27 8.04 0.06 26.84
CA VAL C 27 7.56 -1.30 27.06
C VAL C 27 7.05 -1.43 28.49
N ASN C 28 5.83 -1.94 28.64
CA ASN C 28 5.31 -2.25 29.96
C ASN C 28 6.10 -3.39 30.56
N PRO C 29 6.54 -3.29 31.83
CA PRO C 29 7.38 -4.34 32.40
C PRO C 29 6.62 -5.43 33.13
N THR C 30 5.33 -5.26 33.38
CA THR C 30 4.56 -6.29 34.09
C THR C 30 4.10 -7.40 33.16
N ASN C 31 3.83 -7.10 31.89
CA ASN C 31 3.39 -8.12 30.95
C ASN C 31 4.03 -7.99 29.58
N GLY C 32 5.04 -7.14 29.43
CA GLY C 32 5.81 -7.07 28.20
C GLY C 32 5.05 -6.63 26.97
N VAL C 33 4.26 -5.57 27.09
CA VAL C 33 3.46 -5.05 25.98
C VAL C 33 4.09 -3.74 25.52
N ALA C 34 4.55 -3.72 24.27
CA ALA C 34 5.07 -2.49 23.69
C ALA C 34 3.93 -1.51 23.45
N SER C 35 4.29 -0.25 23.20
CA SER C 35 3.29 0.78 22.98
C SER C 35 3.80 1.79 21.98
N LEU C 36 2.90 2.28 21.13
CA LEU C 36 3.18 3.37 20.20
C LEU C 36 1.98 4.29 20.17
N SER C 37 2.23 5.57 19.91
CA SER C 37 1.16 6.54 19.88
C SER C 37 1.53 7.67 18.94
N GLN C 38 0.50 8.39 18.48
CA GLN C 38 0.67 9.56 17.64
C GLN C 38 0.66 10.81 18.50
N ALA C 39 1.44 11.81 18.09
CA ALA C 39 1.50 13.07 18.82
C ALA C 39 0.21 13.86 18.62
N GLY C 40 -0.74 13.70 19.54
CA GLY C 40 -2.01 14.36 19.44
C GLY C 40 -2.07 15.64 20.26
N ALA C 41 -3.21 16.34 20.11
CA ALA C 41 -3.41 17.59 20.86
C ALA C 41 -3.54 17.31 22.35
N VAL C 42 -4.35 16.32 22.71
CA VAL C 42 -4.61 15.97 24.10
C VAL C 42 -4.23 14.50 24.27
N PRO C 43 -3.47 14.13 25.30
CA PRO C 43 -3.10 12.71 25.46
C PRO C 43 -4.28 11.78 25.62
N ALA C 44 -5.42 12.27 26.09
CA ALA C 44 -6.58 11.41 26.31
C ALA C 44 -7.21 10.93 25.00
N LEU C 45 -6.90 11.57 23.87
CA LEU C 45 -7.49 11.19 22.59
C LEU C 45 -6.38 11.20 21.54
N GLU C 46 -5.93 10.00 21.17
CA GLU C 46 -4.93 9.83 20.14
C GLU C 46 -4.91 8.36 19.75
N LYS C 47 -4.33 8.08 18.59
CA LYS C 47 -4.29 6.72 18.08
C LYS C 47 -3.16 5.94 18.72
N ARG C 48 -3.46 4.76 19.23
CA ARG C 48 -2.51 3.95 19.98
C ARG C 48 -2.39 2.57 19.37
N VAL C 49 -1.19 2.01 19.46
CA VAL C 49 -0.90 0.66 18.98
C VAL C 49 -0.05 -0.05 20.02
N THR C 50 -0.38 -1.31 20.29
CA THR C 50 0.40 -2.13 21.21
C THR C 50 0.72 -3.46 20.55
N VAL C 51 1.99 -3.86 20.61
CA VAL C 51 2.45 -5.13 20.06
C VAL C 51 3.00 -5.98 21.21
N SER C 52 2.48 -7.19 21.34
CA SER C 52 2.89 -8.10 22.41
C SER C 52 3.31 -9.43 21.81
N VAL C 53 4.51 -9.88 22.16
CA VAL C 53 5.04 -11.16 21.72
C VAL C 53 5.42 -11.96 22.96
N SER C 54 4.98 -13.21 23.02
CA SER C 54 5.33 -14.07 24.15
C SER C 54 6.83 -14.29 24.19
N GLN C 55 7.41 -14.12 25.37
CA GLN C 55 8.86 -14.19 25.52
C GLN C 55 9.36 -15.61 25.29
N PRO C 56 10.56 -15.76 24.72
CA PRO C 56 11.14 -17.10 24.58
C PRO C 56 11.44 -17.70 25.94
N SER C 57 11.24 -19.02 26.04
CA SER C 57 11.48 -19.75 27.27
C SER C 57 12.09 -21.10 26.92
N ARG C 58 12.22 -21.96 27.93
CA ARG C 58 12.87 -23.25 27.73
C ARG C 58 12.04 -24.15 26.81
N ASN C 59 10.75 -24.32 27.12
CA ASN C 59 9.89 -25.19 26.33
C ASN C 59 8.75 -24.43 25.66
N ARG C 60 7.90 -23.76 26.44
CA ARG C 60 6.69 -23.09 25.96
C ARG C 60 5.70 -24.07 25.34
N LYS C 61 4.42 -23.71 25.35
CA LYS C 61 3.43 -24.51 24.63
C LYS C 61 3.40 -24.11 23.15
N ASN C 62 3.04 -22.86 22.88
CA ASN C 62 3.12 -22.29 21.55
C ASN C 62 3.17 -20.78 21.69
N TYR C 63 3.69 -20.12 20.66
CA TYR C 63 3.94 -18.69 20.73
C TYR C 63 2.68 -17.90 20.37
N LYS C 64 2.75 -16.59 20.62
CA LYS C 64 1.62 -15.72 20.40
C LYS C 64 2.11 -14.33 20.05
N VAL C 65 1.54 -13.75 19.00
CA VAL C 65 1.79 -12.37 18.61
C VAL C 65 0.44 -11.66 18.56
N GLN C 66 0.34 -10.52 19.25
CA GLN C 66 -0.92 -9.81 19.38
C GLN C 66 -0.71 -8.34 19.08
N VAL C 67 -1.41 -7.83 18.07
CA VAL C 67 -1.40 -6.42 17.72
C VAL C 67 -2.78 -5.86 17.99
N LYS C 68 -2.84 -4.65 18.54
CA LYS C 68 -4.10 -4.11 19.04
C LYS C 68 -4.10 -2.61 18.84
N ILE C 69 -4.93 -2.11 17.92
CA ILE C 69 -4.98 -0.69 17.61
C ILE C 69 -6.36 -0.16 18.01
N GLN C 70 -6.42 1.14 18.26
CA GLN C 70 -7.67 1.82 18.56
C GLN C 70 -7.54 3.29 18.21
N ASN C 71 -8.57 3.83 17.56
CA ASN C 71 -8.59 5.22 17.11
C ASN C 71 -9.79 5.94 17.69
N PRO C 72 -9.62 6.82 18.68
CA PRO C 72 -10.77 7.51 19.24
C PRO C 72 -11.11 8.81 18.51
N THR C 73 -12.40 9.00 18.28
CA THR C 73 -12.94 10.22 17.68
C THR C 73 -13.76 10.96 18.73
N ALA C 74 -13.47 12.25 18.90
CA ALA C 74 -14.07 13.07 19.92
C ALA C 74 -14.64 14.35 19.31
N CYS C 75 -15.59 14.94 20.01
CA CYS C 75 -16.23 16.18 19.58
C CYS C 75 -16.31 17.13 20.76
N THR C 76 -16.33 18.43 20.45
CA THR C 76 -16.42 19.47 21.46
C THR C 76 -17.90 19.68 21.79
N ALA C 77 -18.36 19.01 22.83
CA ALA C 77 -19.75 19.12 23.24
C ALA C 77 -20.06 20.51 23.78
N ASN C 78 -21.28 20.96 23.55
CA ASN C 78 -21.69 22.27 24.04
C ASN C 78 -21.73 22.27 25.57
N GLY C 79 -21.35 23.40 26.16
CA GLY C 79 -21.29 23.51 27.60
C GLY C 79 -20.05 22.94 28.24
N SER C 80 -19.04 22.57 27.44
CA SER C 80 -17.79 22.04 27.96
C SER C 80 -16.63 22.72 27.25
N CYS C 81 -15.50 22.79 27.96
CA CYS C 81 -14.31 23.45 27.45
C CYS C 81 -13.23 22.49 26.98
N ASP C 82 -13.37 21.19 27.24
CA ASP C 82 -12.36 20.22 26.84
C ASP C 82 -13.00 19.11 26.01
N PRO C 83 -12.31 18.63 24.98
CA PRO C 83 -12.86 17.53 24.18
C PRO C 83 -13.04 16.27 25.00
N SER C 84 -14.12 15.55 24.72
CA SER C 84 -14.41 14.28 25.37
C SER C 84 -14.56 13.21 24.31
N VAL C 85 -13.94 12.06 24.53
CA VAL C 85 -13.92 11.00 23.52
C VAL C 85 -15.33 10.51 23.28
N THR C 86 -15.86 10.82 22.09
CA THR C 86 -17.20 10.41 21.72
C THR C 86 -17.30 8.90 21.48
N ARG C 87 -16.37 8.34 20.72
CA ARG C 87 -16.40 6.91 20.42
C ARG C 87 -15.03 6.49 19.95
N GLN C 88 -14.88 5.20 19.67
CA GLN C 88 -13.62 4.69 19.16
C GLN C 88 -13.84 3.34 18.48
N ALA C 89 -12.99 3.05 17.51
CA ALA C 89 -13.03 1.81 16.75
C ALA C 89 -11.81 0.97 17.10
N TYR C 90 -12.04 -0.25 17.56
CA TYR C 90 -10.96 -1.14 17.93
C TYR C 90 -10.62 -2.08 16.78
N ALA C 91 -9.52 -2.80 16.93
CA ALA C 91 -9.07 -3.83 16.00
C ALA C 91 -7.93 -4.59 16.66
N ASP C 92 -7.89 -5.90 16.46
CA ASP C 92 -6.80 -6.69 17.02
C ASP C 92 -6.63 -7.97 16.22
N VAL C 93 -5.39 -8.41 16.09
CA VAL C 93 -5.05 -9.62 15.35
C VAL C 93 -4.13 -10.47 16.21
N THR C 94 -4.38 -11.78 16.22
CA THR C 94 -3.68 -12.71 17.10
C THR C 94 -3.15 -13.89 16.31
N PHE C 95 -1.84 -13.98 16.17
CA PHE C 95 -1.20 -15.13 15.55
C PHE C 95 -0.81 -16.15 16.61
N SER C 96 -0.89 -17.43 16.24
CA SER C 96 -0.77 -18.52 17.20
C SER C 96 0.14 -19.63 16.67
N PHE C 97 1.33 -19.25 16.19
CA PHE C 97 2.28 -20.23 15.70
C PHE C 97 2.72 -21.17 16.82
N THR C 98 3.32 -22.29 16.43
CA THR C 98 3.72 -23.36 17.34
C THR C 98 5.24 -23.40 17.47
N GLN C 99 5.72 -24.40 18.21
CA GLN C 99 7.14 -24.46 18.54
C GLN C 99 8.01 -24.79 17.34
N TYR C 100 7.53 -25.67 16.46
CA TYR C 100 8.33 -26.16 15.34
C TYR C 100 8.06 -25.43 14.05
N SER C 101 7.34 -24.31 14.09
CA SER C 101 6.96 -23.60 12.88
C SER C 101 8.19 -22.95 12.24
N THR C 102 8.45 -23.30 10.99
CA THR C 102 9.58 -22.72 10.29
C THR C 102 9.30 -21.27 9.93
N ASP C 103 10.37 -20.56 9.57
CA ASP C 103 10.27 -19.13 9.29
C ASP C 103 9.42 -18.86 8.05
N GLU C 104 9.50 -19.72 7.04
CA GLU C 104 8.78 -19.48 5.79
C GLU C 104 7.27 -19.50 6.00
N GLU C 105 6.77 -20.44 6.80
CA GLU C 105 5.32 -20.56 6.94
C GLU C 105 4.77 -19.51 7.92
N ARG C 106 5.59 -19.04 8.85
CA ARG C 106 5.19 -17.90 9.67
C ARG C 106 5.09 -16.63 8.84
N ALA C 107 6.02 -16.43 7.91
CA ALA C 107 5.99 -15.28 7.03
C ALA C 107 4.94 -15.41 5.93
N PHE C 108 4.33 -16.58 5.79
CA PHE C 108 3.26 -16.77 4.80
C PHE C 108 1.91 -16.31 5.33
N VAL C 109 1.65 -16.52 6.61
CA VAL C 109 0.37 -16.12 7.19
C VAL C 109 0.29 -14.60 7.28
N ARG C 110 1.38 -13.94 7.67
CA ARG C 110 1.34 -12.50 7.89
C ARG C 110 1.00 -11.75 6.61
N THR C 111 1.62 -12.14 5.50
CA THR C 111 1.38 -11.48 4.23
C THR C 111 0.20 -12.07 3.46
N GLU C 112 -0.33 -13.21 3.88
CA GLU C 112 -1.60 -13.65 3.35
C GLU C 112 -2.74 -12.84 3.94
N LEU C 113 -2.67 -12.53 5.23
CA LEU C 113 -3.64 -11.64 5.85
C LEU C 113 -3.55 -10.24 5.27
N ALA C 114 -2.33 -9.76 5.04
CA ALA C 114 -2.15 -8.41 4.48
C ALA C 114 -2.71 -8.31 3.08
N ALA C 115 -2.46 -9.32 2.24
CA ALA C 115 -2.98 -9.33 0.88
C ALA C 115 -4.46 -9.62 0.80
N LEU C 116 -5.05 -10.10 1.89
CA LEU C 116 -6.48 -10.36 1.95
C LEU C 116 -7.28 -9.16 2.45
N LEU C 117 -6.66 -8.29 3.22
CA LEU C 117 -7.30 -7.06 3.69
C LEU C 117 -7.40 -6.01 2.60
N ALA C 118 -6.80 -6.25 1.44
CA ALA C 118 -6.90 -5.36 0.29
C ALA C 118 -7.73 -5.97 -0.82
N SER C 119 -8.24 -7.18 -0.66
CA SER C 119 -9.10 -7.79 -1.65
C SER C 119 -10.48 -7.12 -1.62
N PRO C 120 -11.24 -7.21 -2.72
CA PRO C 120 -12.58 -6.61 -2.72
C PRO C 120 -13.49 -7.16 -1.64
N LEU C 121 -13.33 -8.44 -1.28
CA LEU C 121 -14.23 -9.06 -0.32
C LEU C 121 -14.19 -8.34 1.02
N LEU C 122 -13.01 -8.16 1.60
CA LEU C 122 -12.93 -7.49 2.88
C LEU C 122 -13.10 -5.97 2.77
N ILE C 123 -12.80 -5.38 1.61
CA ILE C 123 -13.14 -3.98 1.40
C ILE C 123 -14.64 -3.78 1.56
N ASP C 124 -15.44 -4.60 0.89
CA ASP C 124 -16.89 -4.49 1.04
C ASP C 124 -17.35 -4.92 2.42
N ALA C 125 -16.66 -5.87 3.06
CA ALA C 125 -17.10 -6.36 4.35
C ALA C 125 -16.83 -5.38 5.48
N ILE C 126 -15.81 -4.52 5.35
CA ILE C 126 -15.44 -3.60 6.41
C ILE C 126 -15.89 -2.17 6.12
N ASP C 127 -15.67 -1.69 4.90
CA ASP C 127 -16.02 -0.30 4.60
C ASP C 127 -17.52 -0.06 4.68
N GLN C 128 -18.33 -0.96 4.14
CA GLN C 128 -19.77 -0.78 4.13
C GLN C 128 -20.53 -1.71 5.07
N LEU C 129 -19.87 -2.68 5.67
CA LEU C 129 -20.48 -3.59 6.65
C LEU C 129 -21.65 -4.36 6.03
N ASN C 130 -21.34 -5.13 5.00
CA ASN C 130 -22.33 -6.03 4.41
C ASN C 130 -21.74 -7.43 4.31
N PRO C 131 -22.46 -8.46 4.76
CA PRO C 131 -21.88 -9.81 4.78
C PRO C 131 -21.66 -10.39 3.40
N ALA C 132 -21.27 -11.66 3.34
CA ALA C 132 -21.06 -12.34 2.06
C ALA C 132 -22.16 -13.38 1.83
N ALA D 2 -20.33 -8.28 -0.86
CA ALA D 2 -21.15 -8.77 -1.95
C ALA D 2 -21.09 -10.28 -2.04
N LYS D 3 -21.58 -10.84 -3.15
CA LYS D 3 -21.50 -12.28 -3.35
C LYS D 3 -20.05 -12.72 -3.44
N LEU D 4 -19.71 -13.75 -2.68
CA LEU D 4 -18.32 -14.20 -2.60
C LEU D 4 -17.93 -14.95 -3.87
N GLU D 5 -16.71 -14.70 -4.33
CA GLU D 5 -16.19 -15.27 -5.56
C GLU D 5 -14.85 -15.96 -5.28
N THR D 6 -14.15 -16.33 -6.35
CA THR D 6 -12.86 -16.99 -6.23
C THR D 6 -11.78 -15.94 -6.01
N VAL D 7 -11.37 -15.75 -4.77
CA VAL D 7 -10.34 -14.77 -4.45
C VAL D 7 -8.97 -15.36 -4.75
N THR D 8 -8.17 -14.63 -5.53
CA THR D 8 -6.81 -15.02 -5.86
C THR D 8 -5.85 -14.01 -5.25
N LEU D 9 -4.92 -14.49 -4.44
CA LEU D 9 -3.91 -13.66 -3.80
C LEU D 9 -2.57 -13.96 -4.45
N GLY D 10 -1.91 -12.93 -4.97
CA GLY D 10 -0.64 -13.11 -5.66
C GLY D 10 0.50 -12.34 -5.04
N ASN D 11 1.73 -12.75 -5.35
CA ASN D 11 2.93 -12.08 -4.88
C ASN D 11 2.99 -12.03 -3.34
N ILE D 12 2.81 -13.19 -2.70
CA ILE D 12 2.81 -13.25 -1.25
C ILE D 12 3.76 -14.35 -0.78
N GLY D 13 4.26 -14.15 0.44
CA GLY D 13 4.99 -15.14 1.21
C GLY D 13 6.48 -14.97 1.21
N LYS D 14 6.99 -14.24 2.20
CA LYS D 14 8.40 -14.17 2.58
C LYS D 14 9.27 -13.58 1.47
N ASP D 15 8.73 -13.48 0.27
CA ASP D 15 9.48 -13.04 -0.91
C ASP D 15 8.55 -13.10 -2.11
N GLY D 16 8.94 -12.38 -3.16
CA GLY D 16 8.47 -12.61 -4.51
C GLY D 16 7.03 -13.03 -4.71
N LYS D 17 6.83 -14.16 -5.40
CA LYS D 17 5.53 -14.59 -5.87
C LYS D 17 5.23 -16.00 -5.37
N GLN D 18 4.08 -16.15 -4.72
CA GLN D 18 3.50 -17.47 -4.42
C GLN D 18 1.98 -17.29 -4.42
N THR D 19 1.35 -17.56 -5.55
CA THR D 19 -0.07 -17.33 -5.69
C THR D 19 -0.86 -18.30 -4.80
N LEU D 20 -2.12 -17.95 -4.56
CA LEU D 20 -2.98 -18.77 -3.71
C LEU D 20 -4.43 -18.46 -4.10
N VAL D 21 -5.08 -19.42 -4.74
CA VAL D 21 -6.42 -19.23 -5.28
C VAL D 21 -7.42 -19.87 -4.32
N LEU D 22 -8.32 -19.05 -3.78
CA LEU D 22 -9.32 -19.51 -2.84
C LEU D 22 -10.68 -19.58 -3.52
N ASN D 23 -11.35 -20.70 -3.36
CA ASN D 23 -12.66 -21.00 -3.88
C ASN D 23 -13.69 -20.93 -2.76
N PRO D 24 -14.90 -20.44 -3.04
CA PRO D 24 -15.91 -20.32 -1.98
C PRO D 24 -16.42 -21.68 -1.54
N ARG D 25 -16.81 -21.75 -0.27
CA ARG D 25 -17.30 -22.98 0.34
C ARG D 25 -18.66 -22.80 1.00
N GLY D 26 -19.39 -21.75 0.64
CA GLY D 26 -20.76 -21.58 1.11
C GLY D 26 -20.90 -21.03 2.50
N VAL D 27 -22.00 -20.34 2.76
CA VAL D 27 -22.26 -19.73 4.05
C VAL D 27 -22.85 -20.76 4.99
N ASN D 28 -22.50 -20.65 6.28
CA ASN D 28 -23.06 -21.51 7.32
C ASN D 28 -24.35 -20.89 7.82
N PRO D 29 -25.51 -21.52 7.61
CA PRO D 29 -26.77 -20.89 8.04
C PRO D 29 -26.89 -20.66 9.53
N THR D 30 -26.28 -21.51 10.35
CA THR D 30 -26.47 -21.41 11.80
C THR D 30 -25.91 -20.12 12.36
N ASN D 31 -24.72 -19.71 11.91
CA ASN D 31 -24.05 -18.53 12.45
C ASN D 31 -23.59 -17.53 11.41
N GLY D 32 -23.71 -17.81 10.12
CA GLY D 32 -23.49 -16.82 9.09
C GLY D 32 -22.07 -16.64 8.63
N VAL D 33 -21.13 -17.51 9.04
CA VAL D 33 -19.75 -17.37 8.59
C VAL D 33 -19.63 -17.84 7.13
N ALA D 34 -18.96 -17.04 6.32
CA ALA D 34 -18.74 -17.35 4.91
C ALA D 34 -17.36 -17.96 4.76
N SER D 35 -17.29 -19.16 4.20
CA SER D 35 -16.07 -19.93 4.17
C SER D 35 -15.41 -19.88 2.80
N LEU D 36 -14.09 -19.89 2.80
CA LEU D 36 -13.28 -20.00 1.60
C LEU D 36 -12.24 -21.09 1.83
N SER D 37 -11.76 -21.68 0.76
CA SER D 37 -10.83 -22.81 0.88
C SER D 37 -9.91 -22.85 -0.32
N GLN D 38 -9.00 -23.82 -0.33
CA GLN D 38 -8.05 -23.99 -1.41
C GLN D 38 -8.27 -25.34 -2.08
N ALA D 39 -8.02 -25.38 -3.39
CA ALA D 39 -8.22 -26.60 -4.18
C ALA D 39 -7.08 -27.57 -3.88
N GLY D 40 -7.23 -28.31 -2.79
CA GLY D 40 -6.25 -29.30 -2.39
C GLY D 40 -6.66 -30.70 -2.79
N ALA D 41 -5.66 -31.58 -2.86
CA ALA D 41 -5.93 -32.98 -3.20
C ALA D 41 -6.72 -33.68 -2.10
N VAL D 42 -6.41 -33.37 -0.85
CA VAL D 42 -7.07 -33.97 0.31
C VAL D 42 -7.87 -32.88 1.01
N PRO D 43 -9.14 -33.12 1.35
CA PRO D 43 -9.94 -32.07 1.99
C PRO D 43 -9.42 -31.61 3.33
N ALA D 44 -8.66 -32.43 4.04
CA ALA D 44 -8.20 -32.10 5.38
C ALA D 44 -6.79 -31.51 5.40
N LEU D 45 -6.24 -31.19 4.24
CA LEU D 45 -4.88 -30.67 4.13
C LEU D 45 -4.86 -29.37 3.37
N GLU D 46 -5.91 -28.58 3.53
CA GLU D 46 -6.14 -27.42 2.70
C GLU D 46 -6.32 -26.18 3.56
N LYS D 47 -5.76 -25.06 3.10
CA LYS D 47 -5.90 -23.80 3.79
C LYS D 47 -7.30 -23.24 3.61
N ARG D 48 -7.79 -22.54 4.64
CA ARG D 48 -9.14 -22.00 4.59
C ARG D 48 -9.23 -20.73 5.41
N VAL D 49 -10.18 -19.87 5.04
CA VAL D 49 -10.44 -18.61 5.71
C VAL D 49 -11.94 -18.40 5.78
N THR D 50 -12.41 -17.81 6.88
CA THR D 50 -13.83 -17.55 7.09
C THR D 50 -14.01 -16.10 7.53
N VAL D 51 -14.94 -15.39 6.90
CA VAL D 51 -15.29 -14.03 7.32
C VAL D 51 -16.67 -14.06 7.95
N SER D 52 -16.93 -13.11 8.84
CA SER D 52 -18.19 -13.09 9.57
C SER D 52 -18.52 -11.65 9.94
N VAL D 53 -19.41 -11.03 9.18
CA VAL D 53 -19.88 -9.68 9.45
C VAL D 53 -21.17 -9.75 10.24
N SER D 54 -21.33 -8.85 11.21
CA SER D 54 -22.53 -8.83 12.03
C SER D 54 -23.75 -8.49 11.18
N GLN D 55 -24.87 -9.14 11.48
CA GLN D 55 -26.08 -8.96 10.68
C GLN D 55 -26.72 -7.61 10.99
N PRO D 56 -26.99 -6.78 9.98
CA PRO D 56 -27.55 -5.46 10.24
C PRO D 56 -28.99 -5.54 10.72
N SER D 57 -29.28 -4.84 11.82
CA SER D 57 -30.61 -4.78 12.39
C SER D 57 -30.97 -3.33 12.70
N ARG D 58 -32.26 -3.12 12.98
CA ARG D 58 -32.73 -1.76 13.28
C ARG D 58 -32.09 -1.23 14.55
N ASN D 59 -31.94 -2.07 15.57
CA ASN D 59 -31.35 -1.67 16.85
C ASN D 59 -30.15 -2.58 17.13
N ARG D 60 -29.00 -2.20 16.58
CA ARG D 60 -27.75 -2.93 16.77
C ARG D 60 -26.68 -1.88 17.04
N LYS D 61 -26.31 -1.71 18.30
CA LYS D 61 -25.52 -0.56 18.72
C LYS D 61 -24.03 -0.92 18.71
N ASN D 62 -23.69 -1.93 17.91
CA ASN D 62 -22.31 -2.30 17.66
C ASN D 62 -22.20 -3.34 16.53
N TYR D 63 -21.13 -3.26 15.76
CA TYR D 63 -20.86 -4.20 14.68
C TYR D 63 -19.51 -4.86 14.91
N LYS D 64 -19.31 -6.01 14.26
CA LYS D 64 -18.11 -6.79 14.52
C LYS D 64 -17.79 -7.66 13.30
N VAL D 65 -16.68 -7.36 12.66
CA VAL D 65 -16.15 -8.16 11.57
C VAL D 65 -15.07 -9.08 12.13
N GLN D 66 -15.03 -10.32 11.65
CA GLN D 66 -14.06 -11.30 12.14
C GLN D 66 -13.54 -12.12 10.99
N VAL D 67 -12.23 -12.09 10.78
CA VAL D 67 -11.56 -12.84 9.72
C VAL D 67 -10.63 -13.84 10.38
N LYS D 68 -10.72 -15.10 9.99
CA LYS D 68 -10.06 -16.18 10.71
C LYS D 68 -9.35 -17.10 9.72
N ILE D 69 -8.06 -16.89 9.54
CA ILE D 69 -7.21 -17.71 8.69
C ILE D 69 -6.62 -18.83 9.54
N GLN D 70 -6.58 -20.05 8.99
CA GLN D 70 -5.85 -21.12 9.66
C GLN D 70 -5.42 -22.12 8.62
N ASN D 71 -4.12 -22.36 8.52
CA ASN D 71 -3.58 -23.22 7.49
C ASN D 71 -2.69 -24.31 8.06
N PRO D 72 -2.90 -25.57 7.68
CA PRO D 72 -2.10 -26.66 8.24
C PRO D 72 -0.91 -27.07 7.37
N THR D 73 0.10 -27.68 7.99
CA THR D 73 1.22 -28.25 7.27
C THR D 73 1.46 -29.65 7.80
N ALA D 74 1.55 -30.63 6.91
CA ALA D 74 1.62 -32.03 7.31
C ALA D 74 2.68 -32.76 6.51
N CYS D 75 3.37 -33.68 7.16
CA CYS D 75 4.36 -34.54 6.54
C CYS D 75 3.84 -35.97 6.46
N THR D 76 4.42 -36.74 5.55
CA THR D 76 4.03 -38.14 5.36
C THR D 76 4.53 -38.98 6.53
N ALA D 77 3.66 -39.24 7.50
CA ALA D 77 4.05 -40.00 8.68
C ALA D 77 4.50 -41.40 8.30
N ASN D 78 5.63 -41.83 8.87
CA ASN D 78 6.14 -43.15 8.58
C ASN D 78 5.19 -44.23 9.13
N GLY D 79 5.12 -45.35 8.42
CA GLY D 79 4.28 -46.45 8.83
C GLY D 79 2.83 -46.34 8.45
N SER D 80 2.44 -45.30 7.71
CA SER D 80 1.07 -45.14 7.26
C SER D 80 1.07 -44.64 5.83
N CYS D 81 -0.03 -44.93 5.13
CA CYS D 81 -0.15 -44.57 3.72
C CYS D 81 -0.79 -43.20 3.51
N ASP D 82 -1.45 -42.64 4.52
CA ASP D 82 -2.09 -41.35 4.33
C ASP D 82 -1.44 -40.29 5.21
N PRO D 83 -1.27 -39.07 4.69
CA PRO D 83 -0.68 -38.00 5.50
C PRO D 83 -1.61 -37.56 6.60
N SER D 84 -1.01 -37.06 7.69
CA SER D 84 -1.76 -36.61 8.85
C SER D 84 -1.23 -35.25 9.29
N VAL D 85 -2.15 -34.40 9.75
CA VAL D 85 -1.80 -33.03 10.13
C VAL D 85 -0.94 -33.06 11.38
N THR D 86 0.26 -32.47 11.28
CA THR D 86 1.16 -32.38 12.42
C THR D 86 1.01 -31.06 13.17
N ARG D 87 0.81 -29.97 12.44
CA ARG D 87 0.69 -28.66 13.07
C ARG D 87 -0.02 -27.71 12.09
N GLN D 88 -0.50 -26.61 12.64
CA GLN D 88 -1.18 -25.60 11.83
C GLN D 88 -1.01 -24.24 12.47
N ALA D 89 -1.12 -23.21 11.63
CA ALA D 89 -0.93 -21.83 12.05
C ALA D 89 -2.26 -21.09 11.98
N TYR D 90 -2.57 -20.35 13.04
CA TYR D 90 -3.82 -19.63 13.20
C TYR D 90 -3.56 -18.12 13.14
N ALA D 91 -4.59 -17.38 12.73
CA ALA D 91 -4.56 -15.93 12.77
C ALA D 91 -5.97 -15.36 12.65
N ASP D 92 -6.46 -14.68 13.68
CA ASP D 92 -7.80 -14.09 13.63
C ASP D 92 -7.76 -12.62 13.98
N VAL D 93 -8.55 -11.84 13.25
CA VAL D 93 -8.65 -10.41 13.44
C VAL D 93 -10.12 -10.04 13.62
N THR D 94 -10.39 -9.21 14.65
CA THR D 94 -11.75 -8.85 15.02
C THR D 94 -11.87 -7.33 15.08
N PHE D 95 -12.49 -6.74 14.06
CA PHE D 95 -12.82 -5.32 14.10
C PHE D 95 -14.11 -5.12 14.89
N SER D 96 -14.20 -3.97 15.57
CA SER D 96 -15.35 -3.67 16.42
C SER D 96 -15.65 -2.18 16.31
N PHE D 97 -16.61 -1.83 15.46
CA PHE D 97 -17.00 -0.45 15.24
C PHE D 97 -18.25 -0.12 16.06
N THR D 98 -18.74 1.10 15.87
CA THR D 98 -19.88 1.63 16.61
C THR D 98 -21.02 1.88 15.63
N GLN D 99 -22.23 1.96 16.19
CA GLN D 99 -23.43 2.21 15.38
C GLN D 99 -23.36 3.52 14.61
N TYR D 100 -22.52 4.46 15.05
CA TYR D 100 -22.44 5.78 14.44
C TYR D 100 -21.17 5.99 13.64
N SER D 101 -20.34 4.97 13.47
CA SER D 101 -19.07 5.14 12.79
C SER D 101 -19.27 5.30 11.29
N THR D 102 -18.60 6.30 10.71
CA THR D 102 -18.68 6.56 9.29
C THR D 102 -17.71 5.66 8.52
N ASP D 103 -17.70 5.81 7.20
CA ASP D 103 -16.82 4.98 6.37
C ASP D 103 -15.36 5.40 6.48
N GLU D 104 -15.11 6.71 6.68
CA GLU D 104 -13.76 7.22 6.78
C GLU D 104 -12.99 6.64 7.96
N GLU D 105 -13.70 6.16 8.99
CA GLU D 105 -13.07 5.55 10.14
C GLU D 105 -12.76 4.08 9.91
N ARG D 106 -13.71 3.34 9.36
CA ARG D 106 -13.49 1.92 9.12
C ARG D 106 -12.42 1.69 8.06
N ALA D 107 -12.45 2.46 6.97
CA ALA D 107 -11.38 2.35 5.97
C ALA D 107 -10.04 2.70 6.57
N PHE D 108 -10.01 3.72 7.43
CA PHE D 108 -8.78 4.11 8.09
C PHE D 108 -8.22 2.97 8.93
N VAL D 109 -9.06 2.35 9.75
CA VAL D 109 -8.60 1.27 10.61
C VAL D 109 -8.08 0.10 9.77
N ARG D 110 -8.82 -0.28 8.74
CA ARG D 110 -8.44 -1.44 7.94
C ARG D 110 -7.09 -1.20 7.24
N THR D 111 -6.93 -0.02 6.62
CA THR D 111 -5.68 0.24 5.92
C THR D 111 -4.52 0.44 6.88
N GLU D 112 -4.78 1.01 8.06
CA GLU D 112 -3.74 1.12 9.08
C GLU D 112 -3.25 -0.25 9.50
N LEU D 113 -4.18 -1.20 9.69
CA LEU D 113 -3.77 -2.55 10.03
C LEU D 113 -2.95 -3.20 8.92
N ALA D 114 -3.35 -3.00 7.66
CA ALA D 114 -2.57 -3.58 6.57
C ALA D 114 -1.16 -2.99 6.51
N ALA D 115 -1.05 -1.66 6.59
CA ALA D 115 0.25 -1.02 6.53
C ALA D 115 1.11 -1.42 7.72
N LEU D 116 0.51 -1.64 8.89
CA LEU D 116 1.24 -2.14 10.04
C LEU D 116 1.72 -3.57 9.82
N LEU D 117 0.90 -4.39 9.15
CA LEU D 117 1.35 -5.74 8.82
C LEU D 117 2.54 -5.72 7.88
N ALA D 118 2.64 -4.71 7.02
CA ALA D 118 3.80 -4.57 6.15
C ALA D 118 4.93 -3.76 6.78
N SER D 119 4.78 -3.30 8.02
CA SER D 119 5.75 -2.43 8.65
C SER D 119 7.03 -3.18 8.99
N PRO D 120 8.19 -2.52 8.95
CA PRO D 120 9.46 -3.20 9.26
C PRO D 120 9.56 -3.71 10.69
N LEU D 121 8.73 -3.23 11.61
CA LEU D 121 8.74 -3.73 12.97
C LEU D 121 7.98 -5.05 13.07
N LEU D 122 6.73 -5.07 12.60
CA LEU D 122 5.89 -6.23 12.81
C LEU D 122 6.31 -7.39 11.93
N ILE D 123 6.94 -7.12 10.79
CA ILE D 123 7.43 -8.22 9.96
C ILE D 123 8.44 -9.06 10.72
N ASP D 124 9.38 -8.41 11.42
CA ASP D 124 10.34 -9.19 12.19
C ASP D 124 9.72 -9.74 13.46
N ALA D 125 8.79 -8.99 14.08
CA ALA D 125 8.12 -9.49 15.27
C ALA D 125 7.32 -10.77 14.99
N ILE D 126 6.92 -10.97 13.74
CA ILE D 126 6.20 -12.20 13.37
C ILE D 126 7.14 -13.25 12.80
N ASP D 127 8.03 -12.87 11.89
CA ASP D 127 8.91 -13.85 11.25
C ASP D 127 9.91 -14.44 12.25
N GLN D 128 10.61 -13.57 12.99
CA GLN D 128 11.67 -14.03 13.88
C GLN D 128 11.25 -14.05 15.34
N LEU D 129 10.01 -13.66 15.65
CA LEU D 129 9.48 -13.70 17.01
C LEU D 129 10.32 -12.87 17.98
N ASN D 130 10.88 -11.78 17.50
CA ASN D 130 11.64 -10.88 18.36
C ASN D 130 10.68 -9.94 19.10
N PRO D 131 10.66 -9.96 20.43
CA PRO D 131 9.84 -8.99 21.16
C PRO D 131 10.34 -7.58 20.94
N ALA D 132 9.41 -6.64 21.01
CA ALA D 132 9.74 -5.24 20.78
C ALA D 132 10.02 -4.52 22.09
#